data_186D
#
_entry.id   186D
#
_cell.length_a   1.000
_cell.length_b   1.000
_cell.length_c   1.000
_cell.angle_alpha   90.00
_cell.angle_beta   90.00
_cell.angle_gamma   90.00
#
_symmetry.space_group_name_H-M   'P 1'
#
_entity_poly.entity_id   1
_entity_poly.type   'polydeoxyribonucleotide'
_entity_poly.pdbx_seq_one_letter_code
;(DT)(DT)(DG)(DG)(DG)(DG)(DT)(DT)(DG)(DG)(DG)(DG)(DT)(DT)(DG)(DG)(DG)(DG)(DT)(DT)
(DG)(DG)(DG)(DG)
;
_entity_poly.pdbx_strand_id   A
#